data_5Z3I
#
_entry.id   5Z3I
#
_cell.length_a   41.760
_cell.length_b   73.500
_cell.length_c   81.880
_cell.angle_alpha   90.000
_cell.angle_beta   90.000
_cell.angle_gamma   90.000
#
_symmetry.space_group_name_H-M   'P 21 21 21'
#
loop_
_entity.id
_entity.type
_entity.pdbx_description
1 polymer 'Abrin A-chain'
2 non-polymer ADENINE
3 water water
#
_entity_poly.entity_id   1
_entity_poly.type   'polypeptide(L)'
_entity_poly.pdbx_seq_one_letter_code
;MRGSHHHHHHGMASEDRPIKFSTEGATSQSYKQFIEALRERLRGGLIHDIPVLPDPTTLQERNRYITVELSNSDTESIEV
GIDVTNAYVVAYRAGTQSHFLRDAPSSASDYLFTGTDQHSLPFYGTYGDLERWAHQSRQQIPLGLQALTHGISFFRSGGN
DNEEKARTLIVIIQMVAEAARFRYISNRVRVSIQTGTAFQPDAAMISLENNWDNLSRGVQESVQDTFPNQVTLTNIRNEP
VIVDSLSHPTVAVLALMLFVCNPPN
;
_entity_poly.pdbx_strand_id   A
#
loop_
_chem_comp.id
_chem_comp.type
_chem_comp.name
_chem_comp.formula
ADE non-polymer ADENINE 'C5 H5 N5'
#
# COMPACT_ATOMS: atom_id res chain seq x y z
N ARG A 17 18.95 3.00 -1.83
CA ARG A 17 18.60 3.61 -0.54
C ARG A 17 17.16 3.26 -0.16
N PRO A 18 16.92 2.00 0.22
CA PRO A 18 15.55 1.59 0.56
C PRO A 18 15.08 2.21 1.87
N ILE A 19 13.78 2.49 1.91
CA ILE A 19 13.11 2.85 3.15
C ILE A 19 12.85 1.56 3.93
N LYS A 20 13.34 1.50 5.17
CA LYS A 20 13.43 0.23 5.90
C LYS A 20 12.39 0.12 7.00
N PHE A 21 11.81 -1.08 7.14
CA PHE A 21 11.02 -1.41 8.32
C PHE A 21 11.42 -2.79 8.79
N SER A 22 11.69 -2.92 10.08
CA SER A 22 12.05 -4.18 10.70
C SER A 22 10.94 -4.63 11.64
N THR A 23 10.60 -5.93 11.56
CA THR A 23 9.65 -6.50 12.50
C THR A 23 10.29 -6.82 13.85
N GLU A 24 11.61 -6.84 13.95
CA GLU A 24 12.29 -7.23 15.17
C GLU A 24 12.19 -6.10 16.18
N GLY A 25 11.52 -6.37 17.30
CA GLY A 25 11.32 -5.34 18.30
C GLY A 25 10.55 -4.14 17.79
N ALA A 26 9.73 -4.33 16.75
CA ALA A 26 8.97 -3.22 16.18
C ALA A 26 8.04 -2.63 17.22
N THR A 27 7.82 -1.32 17.11
CA THR A 27 6.98 -0.60 18.04
C THR A 27 5.96 0.23 17.27
N SER A 28 4.99 0.77 18.00
CA SER A 28 4.12 1.78 17.44
C SER A 28 4.93 2.88 16.78
N GLN A 29 5.96 3.37 17.47
CA GLN A 29 6.73 4.50 16.95
C GLN A 29 7.53 4.10 15.71
N SER A 30 8.17 2.93 15.72
CA SER A 30 9.01 2.57 14.59
C SER A 30 8.19 2.35 13.33
N TYR A 31 6.97 1.81 13.48
CA TYR A 31 6.10 1.67 12.31
C TYR A 31 5.62 3.03 11.83
N LYS A 32 5.25 3.90 12.77
CA LYS A 32 4.83 5.24 12.41
C LYS A 32 5.91 5.97 11.64
N GLN A 33 7.17 5.87 12.10
CA GLN A 33 8.27 6.54 11.43
C GLN A 33 8.50 5.98 10.03
N PHE A 34 8.29 4.67 9.86
CA PHE A 34 8.41 4.05 8.54
C PHE A 34 7.35 4.61 7.58
N ILE A 35 6.09 4.65 8.02
CA ILE A 35 5.03 5.14 7.15
C ILE A 35 5.24 6.62 6.83
N GLU A 36 5.69 7.42 7.82
CA GLU A 36 5.94 8.83 7.57
CA GLU A 36 5.93 8.83 7.57
C GLU A 36 7.03 9.03 6.52
N ALA A 37 8.10 8.24 6.59
CA ALA A 37 9.17 8.36 5.61
C ALA A 37 8.67 7.97 4.23
N LEU A 38 7.87 6.91 4.15
CA LEU A 38 7.30 6.49 2.88
C LEU A 38 6.38 7.57 2.31
N ARG A 39 5.52 8.14 3.16
CA ARG A 39 4.61 9.19 2.69
C ARG A 39 5.40 10.38 2.18
N GLU A 40 6.48 10.75 2.85
CA GLU A 40 7.22 11.93 2.43
C GLU A 40 7.94 11.69 1.11
N ARG A 41 8.40 10.47 0.86
CA ARG A 41 9.03 10.19 -0.44
C ARG A 41 8.00 10.17 -1.56
N LEU A 42 6.78 9.67 -1.27
CA LEU A 42 5.76 9.54 -2.29
C LEU A 42 5.11 10.87 -2.66
N ARG A 43 5.12 11.84 -1.76
CA ARG A 43 4.38 13.09 -2.00
C ARG A 43 4.93 13.83 -3.21
N GLY A 44 4.03 14.24 -4.10
CA GLY A 44 4.40 15.06 -5.24
C GLY A 44 3.91 16.49 -5.13
N GLY A 45 3.04 16.77 -4.16
CA GLY A 45 2.54 18.11 -3.94
C GLY A 45 1.34 18.06 -3.01
N LEU A 46 0.69 19.21 -2.87
CA LEU A 46 -0.53 19.34 -2.10
C LEU A 46 -1.64 19.87 -2.99
N ILE A 47 -2.83 19.31 -2.87
CA ILE A 47 -4.02 19.84 -3.53
C ILE A 47 -5.08 20.00 -2.46
N HIS A 48 -5.61 21.22 -2.30
CA HIS A 48 -6.53 21.52 -1.21
C HIS A 48 -5.96 21.07 0.12
N ASP A 49 -4.65 21.24 0.28
CA ASP A 49 -3.92 20.96 1.52
C ASP A 49 -3.73 19.47 1.77
N ILE A 50 -4.04 18.61 0.81
CA ILE A 50 -3.93 17.16 0.98
C ILE A 50 -2.80 16.67 0.07
N PRO A 51 -1.85 15.90 0.59
CA PRO A 51 -0.78 15.39 -0.27
C PRO A 51 -1.31 14.57 -1.44
N VAL A 52 -0.69 14.75 -2.59
CA VAL A 52 -1.06 14.04 -3.81
C VAL A 52 0.21 13.47 -4.41
N LEU A 53 0.07 12.29 -5.01
CA LEU A 53 1.15 11.65 -5.73
C LEU A 53 1.46 12.42 -7.01
N PRO A 54 2.63 12.19 -7.60
CA PRO A 54 2.98 12.92 -8.84
C PRO A 54 2.05 12.58 -9.99
N ASP A 55 1.89 13.55 -10.89
CA ASP A 55 1.26 13.33 -12.17
C ASP A 55 2.14 12.39 -12.98
N PRO A 56 1.66 11.21 -13.39
CA PRO A 56 2.55 10.31 -14.13
C PRO A 56 3.03 10.86 -15.45
N THR A 57 2.26 11.76 -16.09
CA THR A 57 2.58 12.23 -17.43
C THR A 57 3.74 13.22 -17.45
N THR A 58 4.09 13.82 -16.32
CA THR A 58 5.23 14.72 -16.25
C THR A 58 6.34 14.18 -15.36
N LEU A 59 6.23 12.93 -14.92
CA LEU A 59 7.23 12.33 -14.05
C LEU A 59 8.33 11.68 -14.88
N GLN A 60 9.58 11.90 -14.47
CA GLN A 60 10.71 11.22 -15.10
C GLN A 60 10.78 9.78 -14.60
N GLU A 61 10.94 8.84 -15.53
CA GLU A 61 10.85 7.42 -15.16
C GLU A 61 11.93 7.03 -14.15
N ARG A 62 13.07 7.70 -14.17
CA ARG A 62 14.14 7.45 -13.20
C ARG A 62 13.71 7.81 -11.78
N ASN A 63 12.62 8.55 -11.63
CA ASN A 63 12.09 8.93 -10.32
C ASN A 63 10.81 8.19 -9.97
N ARG A 64 10.45 7.16 -10.74
CA ARG A 64 9.11 6.59 -10.62
C ARG A 64 9.03 5.45 -9.63
N TYR A 65 10.11 4.70 -9.42
CA TYR A 65 10.06 3.51 -8.60
C TYR A 65 10.99 3.64 -7.41
N ILE A 66 10.50 3.22 -6.23
CA ILE A 66 11.28 3.23 -5.00
C ILE A 66 11.21 1.85 -4.37
N THR A 67 12.12 1.61 -3.45
CA THR A 67 12.20 0.33 -2.75
C THR A 67 11.93 0.53 -1.27
N VAL A 68 11.23 -0.43 -0.70
CA VAL A 68 11.10 -0.58 0.74
C VAL A 68 11.79 -1.89 1.12
N GLU A 69 12.54 -1.87 2.21
CA GLU A 69 13.13 -3.09 2.76
C GLU A 69 12.31 -3.50 3.98
N LEU A 70 11.83 -4.75 3.99
CA LEU A 70 11.11 -5.33 5.11
C LEU A 70 11.95 -6.46 5.67
N SER A 71 12.35 -6.36 6.93
CA SER A 71 13.28 -7.29 7.53
CA SER A 71 13.29 -7.27 7.55
C SER A 71 12.69 -7.92 8.79
N ASN A 72 13.04 -9.18 9.01
CA ASN A 72 12.80 -9.85 10.28
C ASN A 72 14.03 -9.85 11.18
N SER A 73 15.20 -9.58 10.60
CA SER A 73 16.47 -9.59 11.31
C SER A 73 17.52 -9.01 10.38
N ASP A 74 18.77 -8.95 10.85
CA ASP A 74 19.87 -8.49 10.01
C ASP A 74 20.16 -9.43 8.85
N THR A 75 19.73 -10.69 8.94
CA THR A 75 20.04 -11.68 7.91
C THR A 75 18.82 -12.20 7.18
N GLU A 76 17.62 -11.72 7.50
CA GLU A 76 16.40 -12.16 6.82
C GLU A 76 15.62 -10.92 6.42
N SER A 77 15.66 -10.57 5.13
CA SER A 77 14.93 -9.41 4.66
C SER A 77 14.55 -9.60 3.20
N ILE A 78 13.52 -8.86 2.78
CA ILE A 78 13.09 -8.78 1.40
C ILE A 78 12.98 -7.30 1.04
N GLU A 79 12.87 -7.05 -0.25
CA GLU A 79 12.55 -5.72 -0.73
C GLU A 79 11.25 -5.75 -1.52
N VAL A 80 10.54 -4.64 -1.50
CA VAL A 80 9.34 -4.49 -2.32
CA VAL A 80 9.31 -4.45 -2.26
C VAL A 80 9.49 -3.20 -3.11
N GLY A 81 9.13 -3.28 -4.38
CA GLY A 81 9.21 -2.15 -5.27
C GLY A 81 7.85 -1.49 -5.43
N ILE A 82 7.85 -0.16 -5.37
CA ILE A 82 6.61 0.63 -5.33
C ILE A 82 6.64 1.64 -6.47
N ASP A 83 5.52 1.73 -7.18
CA ASP A 83 5.26 2.73 -8.22
C ASP A 83 4.76 4.00 -7.55
N VAL A 84 5.52 5.09 -7.61
CA VAL A 84 5.12 6.31 -6.90
C VAL A 84 3.92 7.00 -7.54
N THR A 85 3.57 6.65 -8.79
CA THR A 85 2.41 7.26 -9.42
C THR A 85 1.11 6.77 -8.83
N ASN A 86 1.10 5.62 -8.17
CA ASN A 86 -0.14 5.13 -7.58
C ASN A 86 0.11 4.36 -6.28
N ALA A 87 1.33 4.36 -5.76
CA ALA A 87 1.70 3.65 -4.52
C ALA A 87 1.47 2.15 -4.66
N TYR A 88 1.47 1.63 -5.88
CA TYR A 88 1.27 0.20 -6.08
C TYR A 88 2.56 -0.56 -5.80
N VAL A 89 2.42 -1.67 -5.09
CA VAL A 89 3.45 -2.70 -5.07
C VAL A 89 3.46 -3.39 -6.42
N VAL A 90 4.60 -3.33 -7.12
CA VAL A 90 4.70 -3.92 -8.44
C VAL A 90 5.67 -5.09 -8.48
N ALA A 91 6.45 -5.31 -7.43
CA ALA A 91 7.45 -6.38 -7.45
C ALA A 91 8.01 -6.56 -6.05
N TYR A 92 8.63 -7.72 -5.84
CA TYR A 92 9.39 -7.96 -4.63
C TYR A 92 10.65 -8.74 -4.98
N ARG A 93 11.59 -8.72 -4.04
CA ARG A 93 12.92 -9.26 -4.25
C ARG A 93 13.35 -10.01 -3.01
N ALA A 94 13.94 -11.17 -3.22
CA ALA A 94 14.59 -11.94 -2.17
C ALA A 94 15.95 -12.37 -2.73
N GLY A 95 17.01 -11.75 -2.23
CA GLY A 95 18.34 -12.10 -2.71
C GLY A 95 18.49 -11.76 -4.18
N THR A 96 18.97 -12.73 -4.96
CA THR A 96 19.26 -12.53 -6.38
C THR A 96 18.03 -12.69 -7.27
N GLN A 97 16.86 -12.96 -6.71
CA GLN A 97 15.66 -13.27 -7.48
C GLN A 97 14.56 -12.27 -7.16
N SER A 98 13.96 -11.69 -8.20
CA SER A 98 12.83 -10.80 -8.04
C SER A 98 11.61 -11.35 -8.78
N HIS A 99 10.44 -10.82 -8.41
CA HIS A 99 9.16 -11.28 -8.92
C HIS A 99 8.26 -10.09 -9.17
N PHE A 100 7.76 -9.97 -10.38
CA PHE A 100 6.96 -8.82 -10.79
C PHE A 100 5.51 -9.25 -11.01
N LEU A 101 4.58 -8.44 -10.48
CA LEU A 101 3.17 -8.67 -10.75
C LEU A 101 2.91 -8.70 -12.25
N ARG A 102 1.90 -9.48 -12.65
CA ARG A 102 1.62 -9.68 -14.06
C ARG A 102 1.26 -8.37 -14.76
N ASP A 103 0.69 -7.42 -14.01
CA ASP A 103 0.31 -6.11 -14.54
C ASP A 103 1.27 -5.01 -14.11
N ALA A 104 2.47 -5.36 -13.67
CA ALA A 104 3.49 -4.34 -13.44
C ALA A 104 3.68 -3.53 -14.70
N PRO A 105 3.89 -2.21 -14.61
CA PRO A 105 4.16 -1.44 -15.81
C PRO A 105 5.42 -1.96 -16.50
N SER A 106 5.48 -1.78 -17.82
CA SER A 106 6.62 -2.30 -18.57
C SER A 106 7.94 -1.76 -18.02
N SER A 107 7.96 -0.50 -17.62
CA SER A 107 9.20 0.14 -17.21
C SER A 107 9.65 -0.26 -15.81
N ALA A 108 8.80 -0.91 -15.02
CA ALA A 108 9.16 -1.26 -13.66
C ALA A 108 10.45 -2.07 -13.62
N SER A 109 10.55 -3.08 -14.49
CA SER A 109 11.72 -3.95 -14.49
C SER A 109 12.96 -3.28 -15.07
N ASP A 110 12.83 -2.10 -15.68
CA ASP A 110 14.02 -1.38 -16.11
C ASP A 110 14.68 -0.62 -14.96
N TYR A 111 13.97 -0.42 -13.85
CA TYR A 111 14.47 0.38 -12.75
C TYR A 111 14.51 -0.35 -11.41
N LEU A 112 13.71 -1.39 -11.22
CA LEU A 112 13.68 -2.12 -9.96
C LEU A 112 14.43 -3.44 -10.10
N PHE A 113 15.30 -3.73 -9.14
CA PHE A 113 15.89 -5.07 -9.01
C PHE A 113 16.58 -5.48 -10.31
N THR A 114 17.30 -4.54 -10.91
CA THR A 114 17.89 -4.79 -12.22
C THR A 114 19.11 -5.70 -12.15
N GLY A 115 19.67 -5.93 -10.97
CA GLY A 115 20.77 -6.87 -10.85
C GLY A 115 20.32 -8.23 -10.32
N THR A 116 19.05 -8.55 -10.51
CA THR A 116 18.48 -9.84 -10.15
C THR A 116 17.97 -10.55 -11.40
N ASP A 117 17.68 -11.84 -11.23
CA ASP A 117 16.88 -12.56 -12.20
C ASP A 117 15.42 -12.19 -11.96
N GLN A 118 14.79 -11.58 -12.95
CA GLN A 118 13.45 -11.04 -12.80
C GLN A 118 12.44 -12.05 -13.35
N HIS A 119 11.50 -12.47 -12.51
CA HIS A 119 10.45 -13.40 -12.88
C HIS A 119 9.11 -12.70 -12.90
N SER A 120 8.21 -13.23 -13.73
CA SER A 120 6.85 -12.73 -13.80
C SER A 120 5.94 -13.63 -12.98
N LEU A 121 5.19 -13.03 -12.06
CA LEU A 121 4.23 -13.77 -11.28
C LEU A 121 3.02 -14.12 -12.16
N PRO A 122 2.29 -15.19 -11.81
CA PRO A 122 1.15 -15.60 -12.64
C PRO A 122 -0.13 -14.84 -12.37
N PHE A 123 -0.16 -13.96 -11.38
CA PHE A 123 -1.36 -13.22 -11.02
C PHE A 123 -1.14 -11.72 -11.14
N TYR A 124 -2.24 -11.01 -11.38
CA TYR A 124 -2.23 -9.56 -11.36
C TYR A 124 -2.16 -9.05 -9.92
N GLY A 125 -1.76 -7.79 -9.77
CA GLY A 125 -1.66 -7.17 -8.47
C GLY A 125 -2.96 -6.58 -7.93
N THR A 126 -4.07 -6.81 -8.61
CA THR A 126 -5.38 -6.37 -8.14
C THR A 126 -5.84 -7.23 -6.98
N TYR A 127 -6.69 -6.65 -6.12
CA TYR A 127 -7.27 -7.45 -5.04
C TYR A 127 -8.09 -8.61 -5.62
N GLY A 128 -8.81 -8.36 -6.71
CA GLY A 128 -9.60 -9.40 -7.31
C GLY A 128 -8.79 -10.64 -7.65
N ASP A 129 -7.64 -10.45 -8.30
CA ASP A 129 -6.84 -11.60 -8.70
C ASP A 129 -6.07 -12.17 -7.51
N LEU A 130 -5.54 -11.30 -6.64
CA LEU A 130 -4.84 -11.80 -5.47
C LEU A 130 -5.78 -12.63 -4.60
N GLU A 131 -7.00 -12.14 -4.36
CA GLU A 131 -7.95 -12.90 -3.56
C GLU A 131 -8.33 -14.20 -4.24
N ARG A 132 -8.46 -14.18 -5.57
CA ARG A 132 -8.73 -15.41 -6.31
C ARG A 132 -7.63 -16.44 -6.06
N TRP A 133 -6.38 -16.02 -6.22
CA TRP A 133 -5.25 -16.95 -6.05
C TRP A 133 -5.05 -17.34 -4.60
N ALA A 134 -5.33 -16.44 -3.65
CA ALA A 134 -5.21 -16.76 -2.24
C ALA A 134 -6.35 -17.62 -1.73
N HIS A 135 -7.44 -17.74 -2.49
CA HIS A 135 -8.64 -18.44 -2.04
C HIS A 135 -9.15 -17.85 -0.72
N GLN A 136 -8.84 -16.58 -0.49
CA GLN A 136 -9.31 -15.85 0.67
C GLN A 136 -9.52 -14.40 0.26
N SER A 137 -10.53 -13.77 0.84
CA SER A 137 -10.72 -12.34 0.67
C SER A 137 -9.91 -11.57 1.70
N ARG A 138 -9.74 -10.28 1.43
CA ARG A 138 -9.06 -9.41 2.38
C ARG A 138 -9.66 -9.54 3.78
N GLN A 139 -11.00 -9.63 3.85
CA GLN A 139 -11.67 -9.70 5.15
C GLN A 139 -11.25 -10.92 5.95
N GLN A 140 -10.78 -11.97 5.29
CA GLN A 140 -10.45 -13.23 5.95
C GLN A 140 -8.98 -13.34 6.34
N ILE A 141 -8.12 -12.47 5.83
CA ILE A 141 -6.68 -12.62 5.95
C ILE A 141 -6.18 -11.73 7.08
N PRO A 142 -5.53 -12.29 8.10
CA PRO A 142 -5.08 -11.47 9.23
C PRO A 142 -3.93 -10.54 8.88
N LEU A 143 -3.98 -9.34 9.45
CA LEU A 143 -2.91 -8.36 9.35
C LEU A 143 -2.31 -8.13 10.74
N GLY A 144 -1.08 -7.63 10.75
CA GLY A 144 -0.38 -7.37 11.99
C GLY A 144 1.05 -7.81 11.92
N LEU A 145 1.79 -7.69 13.02
CA LEU A 145 3.23 -7.90 12.96
C LEU A 145 3.56 -9.35 12.66
N GLN A 146 2.81 -10.28 13.23
CA GLN A 146 3.09 -11.69 12.97
C GLN A 146 2.81 -12.05 11.52
N ALA A 147 1.70 -11.56 10.96
CA ALA A 147 1.40 -11.82 9.56
C ALA A 147 2.51 -11.30 8.65
N LEU A 148 3.03 -10.11 8.95
CA LEU A 148 4.10 -9.55 8.13
C LEU A 148 5.39 -10.33 8.31
N THR A 149 5.71 -10.70 9.56
CA THR A 149 6.89 -11.52 9.83
C THR A 149 6.81 -12.83 9.05
N HIS A 150 5.64 -13.45 9.05
CA HIS A 150 5.47 -14.73 8.38
C HIS A 150 5.63 -14.58 6.88
N GLY A 151 5.15 -13.46 6.33
CA GLY A 151 5.27 -13.21 4.90
C GLY A 151 6.69 -12.92 4.47
N ILE A 152 7.43 -12.14 5.26
CA ILE A 152 8.83 -11.89 4.97
C ILE A 152 9.61 -13.20 4.93
N SER A 153 9.39 -14.06 5.91
CA SER A 153 10.10 -15.34 5.92
C SER A 153 9.69 -16.19 4.71
N PHE A 154 8.42 -16.12 4.33
CA PHE A 154 7.99 -16.94 3.20
C PHE A 154 8.66 -16.48 1.91
N PHE A 155 8.68 -15.17 1.64
CA PHE A 155 9.32 -14.69 0.42
C PHE A 155 10.82 -14.94 0.44
N ARG A 156 11.46 -14.78 1.61
CA ARG A 156 12.90 -15.01 1.65
C ARG A 156 13.24 -16.48 1.42
N SER A 157 12.36 -17.38 1.86
CA SER A 157 12.59 -18.81 1.65
C SER A 157 12.48 -19.20 0.19
N GLY A 158 11.76 -18.42 -0.61
CA GLY A 158 11.59 -18.74 -2.01
C GLY A 158 10.58 -19.81 -2.31
N GLY A 159 9.72 -20.17 -1.35
CA GLY A 159 8.70 -21.18 -1.59
C GLY A 159 7.84 -20.86 -2.80
N ASN A 160 7.47 -21.87 -3.58
CA ASN A 160 6.78 -21.68 -4.84
C ASN A 160 5.26 -21.58 -4.71
N ASP A 161 4.71 -21.78 -3.51
CA ASP A 161 3.26 -21.82 -3.33
C ASP A 161 2.63 -20.50 -3.74
N ASN A 162 1.94 -20.49 -4.88
CA ASN A 162 1.37 -19.24 -5.40
C ASN A 162 0.20 -18.76 -4.55
N GLU A 163 -0.53 -19.68 -3.91
CA GLU A 163 -1.60 -19.25 -3.00
C GLU A 163 -1.03 -18.42 -1.85
N GLU A 164 0.06 -18.89 -1.24
CA GLU A 164 0.66 -18.13 -0.16
C GLU A 164 1.38 -16.89 -0.68
N LYS A 165 1.89 -16.93 -1.92
CA LYS A 165 2.46 -15.72 -2.50
C LYS A 165 1.40 -14.62 -2.59
N ALA A 166 0.20 -14.96 -3.04
CA ALA A 166 -0.86 -13.97 -3.18
C ALA A 166 -1.33 -13.48 -1.82
N ARG A 167 -1.52 -14.39 -0.87
CA ARG A 167 -1.91 -13.99 0.48
C ARG A 167 -0.87 -13.06 1.09
N THR A 168 0.41 -13.38 0.91
CA THR A 168 1.46 -12.55 1.47
C THR A 168 1.44 -11.15 0.86
N LEU A 169 1.22 -11.06 -0.45
CA LEU A 169 1.14 -9.73 -1.04
C LEU A 169 -0.08 -8.97 -0.54
N ILE A 170 -1.19 -9.64 -0.29
CA ILE A 170 -2.35 -8.96 0.29
C ILE A 170 -1.99 -8.34 1.63
N VAL A 171 -1.18 -9.04 2.43
CA VAL A 171 -0.73 -8.51 3.72
C VAL A 171 0.16 -7.29 3.53
N ILE A 172 1.20 -7.43 2.70
CA ILE A 172 2.17 -6.36 2.51
C ILE A 172 1.50 -5.13 1.91
N ILE A 173 0.68 -5.32 0.88
CA ILE A 173 0.00 -4.21 0.21
C ILE A 173 -0.75 -3.37 1.24
N GLN A 174 -1.48 -4.03 2.15
CA GLN A 174 -2.29 -3.27 3.08
C GLN A 174 -1.45 -2.63 4.18
N MET A 175 -0.45 -3.34 4.69
CA MET A 175 0.37 -2.79 5.77
C MET A 175 1.36 -1.74 5.29
N VAL A 176 1.62 -1.66 3.99
CA VAL A 176 2.56 -0.68 3.44
C VAL A 176 1.82 0.36 2.58
N ALA A 177 1.23 -0.06 1.47
CA ALA A 177 0.66 0.90 0.52
C ALA A 177 -0.65 1.50 1.02
N GLU A 178 -1.61 0.67 1.44
CA GLU A 178 -2.86 1.22 1.93
C GLU A 178 -2.63 2.05 3.18
N ALA A 179 -1.70 1.61 4.03
CA ALA A 179 -1.34 2.38 5.22
C ALA A 179 -0.77 3.74 4.85
N ALA A 180 0.08 3.78 3.82
CA ALA A 180 0.58 5.06 3.35
C ALA A 180 -0.56 5.96 2.88
N ARG A 181 -1.57 5.37 2.23
CA ARG A 181 -2.64 6.18 1.64
C ARG A 181 -3.57 6.76 2.69
N PHE A 182 -3.88 5.98 3.73
CA PHE A 182 -5.01 6.27 4.61
C PHE A 182 -4.53 6.31 6.05
N ARG A 183 -4.77 7.45 6.72
CA ARG A 183 -4.41 7.60 8.12
C ARG A 183 -5.16 6.58 9.00
N TYR A 184 -6.40 6.25 8.63
CA TYR A 184 -7.15 5.25 9.40
C TYR A 184 -6.43 3.91 9.41
N ILE A 185 -5.87 3.52 8.27
CA ILE A 185 -5.25 2.21 8.13
C ILE A 185 -3.88 2.19 8.81
N SER A 186 -3.06 3.22 8.59
CA SER A 186 -1.77 3.24 9.28
C SER A 186 -1.98 3.20 10.79
N ASN A 187 -2.96 3.95 11.29
CA ASN A 187 -3.22 3.92 12.73
C ASN A 187 -3.66 2.54 13.19
N ARG A 188 -4.54 1.88 12.42
CA ARG A 188 -5.01 0.56 12.82
C ARG A 188 -3.87 -0.44 12.89
N VAL A 189 -2.95 -0.41 11.92
CA VAL A 189 -1.77 -1.26 11.98
C VAL A 189 -0.89 -0.87 13.15
N ARG A 190 -0.73 0.44 13.38
CA ARG A 190 0.06 0.89 14.51
C ARG A 190 -0.49 0.32 15.82
N VAL A 191 -1.82 0.33 15.98
CA VAL A 191 -2.43 -0.23 17.19
C VAL A 191 -2.15 -1.72 17.29
N SER A 192 -2.25 -2.43 16.17
CA SER A 192 -1.97 -3.86 16.15
C SER A 192 -0.57 -4.14 16.66
N ILE A 193 0.41 -3.39 16.18
CA ILE A 193 1.79 -3.55 16.62
C ILE A 193 1.92 -3.19 18.09
N GLN A 194 1.32 -2.07 18.49
CA GLN A 194 1.40 -1.63 19.88
C GLN A 194 0.86 -2.69 20.83
N THR A 195 -0.28 -3.29 20.49
CA THR A 195 -0.97 -4.22 21.38
C THR A 195 -0.54 -5.67 21.18
N GLY A 196 0.13 -5.99 20.08
CA GLY A 196 0.43 -7.37 19.78
C GLY A 196 -0.75 -8.19 19.34
N THR A 197 -1.82 -7.54 18.88
CA THR A 197 -3.07 -8.20 18.53
C THR A 197 -3.32 -8.07 17.03
N ALA A 198 -3.35 -9.20 16.33
CA ALA A 198 -3.66 -9.20 14.91
C ALA A 198 -5.09 -8.69 14.68
N PHE A 199 -5.38 -8.32 13.43
CA PHE A 199 -6.72 -7.91 13.09
C PHE A 199 -7.04 -8.28 11.65
N GLN A 200 -8.34 -8.40 11.39
CA GLN A 200 -8.91 -8.50 10.06
C GLN A 200 -9.41 -7.12 9.62
N PRO A 201 -9.19 -6.69 8.38
CA PRO A 201 -9.66 -5.36 7.98
C PRO A 201 -11.17 -5.23 8.12
N ASP A 202 -11.61 -4.19 8.81
CA ASP A 202 -13.03 -3.93 9.00
C ASP A 202 -13.64 -3.35 7.72
N ALA A 203 -14.97 -3.20 7.74
CA ALA A 203 -15.69 -2.71 6.56
C ALA A 203 -15.27 -1.29 6.22
N ALA A 204 -14.93 -0.47 7.21
CA ALA A 204 -14.46 0.88 6.92
C ALA A 204 -13.14 0.82 6.17
N MET A 205 -12.22 0.00 6.63
CA MET A 205 -10.93 -0.14 5.97
C MET A 205 -11.11 -0.65 4.54
N ILE A 206 -11.97 -1.65 4.35
CA ILE A 206 -12.19 -2.20 3.01
C ILE A 206 -12.75 -1.11 2.10
N SER A 207 -13.72 -0.33 2.60
CA SER A 207 -14.35 0.68 1.76
C SER A 207 -13.36 1.77 1.38
N LEU A 208 -12.46 2.14 2.29
CA LEU A 208 -11.41 3.09 1.94
C LEU A 208 -10.54 2.53 0.82
N GLU A 209 -10.05 1.29 1.00
CA GLU A 209 -9.22 0.67 -0.04
C GLU A 209 -9.93 0.68 -1.39
N ASN A 210 -11.24 0.43 -1.39
CA ASN A 210 -11.99 0.29 -2.64
C ASN A 210 -12.32 1.63 -3.29
N ASN A 211 -12.14 2.74 -2.59
CA ASN A 211 -12.63 4.04 -3.06
C ASN A 211 -11.53 5.10 -3.09
N TRP A 212 -10.26 4.69 -3.08
CA TRP A 212 -9.17 5.66 -3.07
C TRP A 212 -9.22 6.56 -4.29
N ASP A 213 -9.40 5.98 -5.47
CA ASP A 213 -9.46 6.79 -6.68
C ASP A 213 -10.68 7.71 -6.65
N ASN A 214 -11.82 7.20 -6.22
CA ASN A 214 -13.04 8.01 -6.18
C ASN A 214 -12.88 9.20 -5.24
N LEU A 215 -12.28 8.99 -4.06
CA LEU A 215 -12.04 10.07 -3.12
C LEU A 215 -11.03 11.07 -3.67
N SER A 216 -9.92 10.57 -4.21
CA SER A 216 -8.94 11.45 -4.82
C SER A 216 -9.59 12.32 -5.89
N ARG A 217 -10.46 11.73 -6.70
CA ARG A 217 -11.13 12.47 -7.77
C ARG A 217 -12.13 13.47 -7.21
N GLY A 218 -12.87 13.08 -6.18
CA GLY A 218 -13.77 14.03 -5.55
C GLY A 218 -13.06 15.28 -5.07
N VAL A 219 -11.98 15.10 -4.32
CA VAL A 219 -11.23 16.24 -3.81
C VAL A 219 -10.75 17.12 -4.95
N GLN A 220 -10.11 16.52 -5.94
CA GLN A 220 -9.38 17.30 -6.93
C GLN A 220 -10.29 17.93 -7.97
N GLU A 221 -11.47 17.34 -8.20
CA GLU A 221 -12.45 17.91 -9.11
C GLU A 221 -13.51 18.73 -8.36
N SER A 222 -13.34 18.93 -7.06
CA SER A 222 -14.36 19.60 -6.26
C SER A 222 -14.57 21.03 -6.74
N VAL A 223 -15.83 21.46 -6.73
CA VAL A 223 -16.21 22.82 -7.10
C VAL A 223 -16.86 23.44 -5.86
N GLN A 224 -16.23 24.48 -5.33
CA GLN A 224 -16.71 25.12 -4.10
C GLN A 224 -16.82 24.12 -2.96
N ASP A 225 -15.84 23.22 -2.88
CA ASP A 225 -15.70 22.21 -1.82
C ASP A 225 -16.63 21.02 -2.00
N THR A 226 -17.37 20.92 -3.10
CA THR A 226 -18.35 19.86 -3.28
C THR A 226 -17.93 18.92 -4.40
N PHE A 227 -18.12 17.62 -4.17
CA PHE A 227 -17.70 16.61 -5.13
C PHE A 227 -18.61 16.63 -6.36
N PRO A 228 -18.07 16.50 -7.56
CA PRO A 228 -18.94 16.27 -8.73
C PRO A 228 -19.69 14.95 -8.65
N ASN A 229 -19.01 13.88 -8.24
CA ASN A 229 -19.61 12.58 -8.04
C ASN A 229 -19.47 12.19 -6.57
N GLN A 230 -20.57 11.79 -5.95
CA GLN A 230 -20.54 11.41 -4.54
C GLN A 230 -19.84 10.06 -4.37
N VAL A 231 -19.34 9.84 -3.15
CA VAL A 231 -18.63 8.61 -2.81
C VAL A 231 -19.29 7.97 -1.59
N THR A 232 -19.58 6.68 -1.69
CA THR A 232 -20.17 5.92 -0.61
C THR A 232 -19.09 5.12 0.11
N LEU A 233 -18.92 5.37 1.40
CA LEU A 233 -18.03 4.62 2.26
C LEU A 233 -18.84 3.92 3.34
N THR A 234 -18.17 3.02 4.06
CA THR A 234 -18.76 2.33 5.20
C THR A 234 -18.00 2.74 6.46
N ASN A 235 -18.73 2.91 7.56
CA ASN A 235 -18.12 3.43 8.77
C ASN A 235 -17.78 2.29 9.72
N ILE A 236 -17.15 2.65 10.84
CA ILE A 236 -16.65 1.64 11.77
C ILE A 236 -17.76 0.74 12.28
N ARG A 237 -19.01 1.22 12.28
CA ARG A 237 -20.15 0.44 12.74
C ARG A 237 -20.90 -0.23 11.60
N ASN A 238 -20.24 -0.41 10.45
CA ASN A 238 -20.83 -1.08 9.28
C ASN A 238 -21.94 -0.26 8.63
N GLU A 239 -22.01 1.04 8.93
CA GLU A 239 -23.02 1.93 8.38
C GLU A 239 -22.46 2.68 7.17
N PRO A 240 -23.24 2.87 6.11
CA PRO A 240 -22.72 3.55 4.92
C PRO A 240 -22.79 5.08 5.07
N VAL A 241 -21.65 5.74 4.85
CA VAL A 241 -21.52 7.19 5.01
C VAL A 241 -21.26 7.80 3.64
N ILE A 242 -22.08 8.77 3.25
CA ILE A 242 -21.96 9.42 1.95
C ILE A 242 -21.00 10.60 2.09
N VAL A 243 -20.04 10.69 1.18
CA VAL A 243 -19.04 11.74 1.18
C VAL A 243 -19.19 12.52 -0.12
N ASP A 244 -19.43 13.83 -0.02
CA ASP A 244 -19.65 14.66 -1.19
C ASP A 244 -18.91 15.99 -1.14
N SER A 245 -18.12 16.27 -0.12
CA SER A 245 -17.49 17.59 -0.01
C SER A 245 -16.14 17.48 0.65
N LEU A 246 -15.35 18.53 0.50
CA LEU A 246 -14.01 18.68 1.11
C LEU A 246 -14.15 18.74 2.63
N SER A 247 -15.27 19.26 3.14
CA SER A 247 -15.45 19.46 4.58
C SER A 247 -15.90 18.20 5.30
N HIS A 248 -16.25 17.14 4.57
CA HIS A 248 -16.69 15.92 5.21
C HIS A 248 -15.59 15.42 6.14
N PRO A 249 -15.89 15.14 7.42
CA PRO A 249 -14.83 14.73 8.34
C PRO A 249 -14.03 13.53 7.85
N THR A 250 -14.67 12.60 7.14
CA THR A 250 -13.98 11.42 6.65
C THR A 250 -12.90 11.74 5.62
N VAL A 251 -12.88 12.97 5.11
CA VAL A 251 -11.86 13.37 4.09
C VAL A 251 -10.50 13.49 4.79
N ALA A 252 -10.47 13.84 6.08
CA ALA A 252 -9.22 13.91 6.84
C ALA A 252 -8.50 12.57 6.89
N VAL A 253 -9.14 11.48 6.47
CA VAL A 253 -8.50 10.17 6.46
C VAL A 253 -7.51 10.00 5.32
N LEU A 254 -7.54 10.87 4.32
CA LEU A 254 -6.66 10.75 3.15
C LEU A 254 -5.29 11.32 3.49
N ALA A 255 -4.26 10.46 3.50
CA ALA A 255 -2.90 10.92 3.68
C ALA A 255 -2.20 11.18 2.35
N LEU A 256 -2.52 10.37 1.33
CA LEU A 256 -2.01 10.55 -0.01
C LEU A 256 -3.13 10.30 -1.00
N MET A 257 -3.26 11.19 -1.98
CA MET A 257 -4.21 11.05 -3.06
C MET A 257 -3.53 10.55 -4.33
N LEU A 258 -4.30 9.80 -5.13
CA LEU A 258 -3.94 9.54 -6.52
C LEU A 258 -4.08 10.83 -7.30
N PHE A 259 -3.11 11.13 -8.16
CA PHE A 259 -3.29 12.30 -9.01
C PHE A 259 -4.41 12.04 -10.00
N VAL A 260 -5.38 12.96 -10.03
CA VAL A 260 -6.49 12.92 -10.97
C VAL A 260 -6.46 14.12 -11.90
N CYS A 261 -6.39 15.32 -11.34
CA CYS A 261 -6.35 16.54 -12.12
C CYS A 261 -5.90 17.67 -11.22
N ASN A 262 -5.34 18.69 -11.83
CA ASN A 262 -5.06 19.91 -11.11
C ASN A 262 -6.35 20.72 -10.96
N PRO A 263 -6.57 21.38 -9.81
CA PRO A 263 -7.86 22.03 -9.58
C PRO A 263 -8.02 23.34 -10.33
N9 ADE B . -4.35 -2.09 -4.31
C8 ADE B . -4.65 -3.18 -5.06
N7 ADE B . -3.60 -3.81 -5.52
C5 ADE B . -2.53 -3.08 -5.05
C6 ADE B . -1.13 -3.21 -5.20
N6 ADE B . -0.55 -4.18 -5.91
N1 ADE B . -0.35 -2.31 -4.57
C2 ADE B . -0.92 -1.33 -3.86
N3 ADE B . -2.22 -1.09 -3.67
C4 ADE B . -2.97 -2.00 -4.29
#